data_5RCD
#
_entry.id   5RCD
#
_cell.length_a   45.353
_cell.length_b   73.099
_cell.length_c   52.727
_cell.angle_alpha   90.000
_cell.angle_beta   109.450
_cell.angle_gamma   90.000
#
_symmetry.space_group_name_H-M   'P 1 21 1'
#
loop_
_entity.id
_entity.type
_entity.pdbx_description
1 polymer Endothiapepsin
2 non-polymer N-[(benzyloxy)carbonyl]-N-methyl-L-alanine
3 non-polymer 'DIMETHYL SULFOXIDE'
4 non-polymer GLYCEROL
5 non-polymer 'ACETATE ION'
6 non-polymer 'TETRAETHYLENE GLYCOL'
7 non-polymer 'SODIUM ION'
8 water water
#
_entity_poly.entity_id   1
_entity_poly.type   'polypeptide(L)'
_entity_poly.pdbx_seq_one_letter_code
;MSSPLKNALVTAMLAGGALSSPTKQHVGIPVNASPEVGPGKYSFKQVRNPNYKFNGPLSVKKTYLKYGVPIPAWLEDAVQ
NSTSGLAERSTGSATTTPIDSLDDAYITPVQIGTPAQTLNLDFDTGSSDLWVFSSETTASEVDGQTIYTPSKSTTAKLLS
GATWSISYGDGSSSSGDVYTDTVSVGGLTVTGQAVESAKKVSSSFTEDSTIDGLLGLAFSTLNTVSPTQQKTFFDNAKAS
LDSPVFTADLGYHAPGTYNFGFIDTTAYTGSITYTAVSTKQGFWEWTSTGYAVGSGTFKSTSIDGIADTGTTLLYLPATV
VSAYWAQVSGAKSSSSVGGYVFPCSATLPSFTFGVGSARIVIPGDYIDFGPISTGSSSCFGGIQSSAGIGINIFGDVALK
AAFVVFNGATTPTLGFASK
;
_entity_poly.pdbx_strand_id   A
#
# COMPACT_ATOMS: atom_id res chain seq x y z
N SER A 90 0.64 -1.62 -25.90
CA SER A 90 1.87 -1.10 -25.22
C SER A 90 1.97 -1.66 -23.82
N THR A 91 3.16 -1.54 -23.26
CA THR A 91 3.43 -1.94 -21.86
C THR A 91 4.41 -0.93 -21.30
N GLY A 92 4.56 -0.94 -19.99
CA GLY A 92 5.67 -0.26 -19.29
C GLY A 92 6.15 -1.10 -18.14
N SER A 93 7.38 -0.89 -17.72
CA SER A 93 7.98 -1.64 -16.58
C SER A 93 8.97 -0.74 -15.88
N ALA A 94 8.80 -0.44 -14.61
CA ALA A 94 9.68 0.46 -13.88
C ALA A 94 10.05 -0.15 -12.56
N THR A 95 11.27 0.04 -12.13
CA THR A 95 11.72 -0.41 -10.81
C THR A 95 11.29 0.59 -9.76
N THR A 96 10.84 0.07 -8.61
CA THR A 96 10.45 0.88 -7.45
C THR A 96 11.38 0.56 -6.30
N THR A 97 11.85 1.58 -5.59
CA THR A 97 12.98 1.45 -4.64
C THR A 97 12.54 1.98 -3.30
N PRO A 98 12.82 1.28 -2.19
N PRO A 98 12.73 1.25 -2.18
N PRO A 98 12.82 1.28 -2.19
N PRO A 98 12.73 1.25 -2.18
CA PRO A 98 12.41 1.79 -0.88
CA PRO A 98 12.52 1.85 -0.86
CA PRO A 98 12.41 1.79 -0.88
CA PRO A 98 12.51 1.85 -0.86
C PRO A 98 13.21 3.06 -0.57
C PRO A 98 13.25 3.18 -0.65
C PRO A 98 13.21 3.06 -0.57
C PRO A 98 13.25 3.18 -0.65
N ILE A 99 12.57 4.06 0.05
CA ILE A 99 13.19 5.38 0.34
C ILE A 99 14.15 5.27 1.50
N ASP A 100 14.08 4.26 2.33
CA ASP A 100 14.91 4.16 3.54
C ASP A 100 14.99 2.72 3.94
N SER A 101 15.71 2.46 5.05
CA SER A 101 15.99 1.10 5.53
C SER A 101 14.76 0.42 6.13
N LEU A 102 13.68 1.11 6.31
CA LEU A 102 12.46 0.54 6.91
C LEU A 102 11.42 0.27 5.86
N ASP A 103 11.63 0.58 4.59
CA ASP A 103 10.58 0.48 3.55
C ASP A 103 9.43 1.41 3.92
N ASP A 104 9.71 2.61 4.36
CA ASP A 104 8.61 3.50 4.72
C ASP A 104 7.75 3.90 3.51
N ALA A 105 8.34 3.92 2.34
CA ALA A 105 7.64 4.18 1.07
C ALA A 105 8.57 3.74 -0.01
N TYR A 106 8.07 3.76 -1.23
CA TYR A 106 8.82 3.35 -2.42
C TYR A 106 8.73 4.47 -3.46
N ILE A 107 9.80 4.72 -4.15
CA ILE A 107 9.85 5.70 -5.23
C ILE A 107 10.16 5.07 -6.55
N THR A 108 9.53 5.60 -7.59
CA THR A 108 9.64 5.10 -8.96
C THR A 108 9.95 6.28 -9.85
N PRO A 109 10.96 6.18 -10.75
CA PRO A 109 11.26 7.31 -11.61
C PRO A 109 10.19 7.48 -12.67
N VAL A 110 9.83 8.73 -12.93
CA VAL A 110 8.80 9.11 -13.90
C VAL A 110 9.33 10.24 -14.75
N GLN A 111 9.23 10.13 -16.06
CA GLN A 111 9.64 11.16 -16.99
C GLN A 111 8.49 12.11 -17.29
N ILE A 112 8.68 13.39 -17.09
CA ILE A 112 7.64 14.40 -17.32
C ILE A 112 8.19 15.45 -18.28
N GLY A 113 7.46 15.74 -19.33
CA GLY A 113 7.83 16.90 -20.17
C GLY A 113 8.79 16.55 -21.28
N THR A 114 9.12 17.61 -22.03
CA THR A 114 10.02 17.51 -23.22
C THR A 114 10.99 18.67 -23.18
N PRO A 115 12.31 18.47 -23.06
CA PRO A 115 12.98 17.20 -22.80
C PRO A 115 12.52 16.65 -21.44
N ALA A 116 12.73 15.37 -21.21
CA ALA A 116 12.26 14.71 -20.00
C ALA A 116 12.86 15.38 -18.79
N GLN A 117 12.02 15.52 -17.76
CA GLN A 117 12.43 15.84 -16.40
C GLN A 117 12.09 14.61 -15.56
N THR A 118 13.03 13.96 -14.96
CA THR A 118 12.80 12.72 -14.22
C THR A 118 12.60 13.08 -12.76
N LEU A 119 11.44 12.72 -12.22
CA LEU A 119 11.09 12.90 -10.81
C LEU A 119 10.83 11.54 -10.21
N ASN A 120 11.14 11.36 -8.95
CA ASN A 120 10.90 10.11 -8.24
C ASN A 120 9.60 10.20 -7.45
N LEU A 121 8.58 9.48 -7.93
CA LEU A 121 7.23 9.62 -7.38
C LEU A 121 6.85 8.39 -6.58
N ASP A 122 5.99 8.64 -5.59
CA ASP A 122 5.40 7.61 -4.76
C ASP A 122 4.12 7.11 -5.42
N PHE A 123 4.14 5.93 -5.98
CA PHE A 123 2.94 5.37 -6.66
C PHE A 123 1.96 4.93 -5.57
N ASP A 124 0.74 5.45 -5.64
CA ASP A 124 -0.19 5.35 -4.53
C ASP A 124 -1.53 4.81 -5.04
N THR A 125 -1.78 3.52 -4.83
CA THR A 125 -3.07 2.92 -5.22
C THR A 125 -4.21 3.35 -4.31
N GLY A 126 -3.97 4.16 -3.32
CA GLY A 126 -5.01 4.74 -2.49
C GLY A 126 -5.35 6.18 -2.79
N SER A 127 -4.89 6.76 -3.86
CA SER A 127 -5.31 8.11 -4.26
C SER A 127 -5.22 8.25 -5.76
N SER A 128 -5.65 9.40 -6.27
CA SER A 128 -5.92 9.52 -7.71
C SER A 128 -5.40 10.79 -8.33
N ASP A 129 -4.44 11.43 -7.68
CA ASP A 129 -3.82 12.66 -8.19
C ASP A 129 -2.37 12.37 -8.51
N LEU A 130 -1.88 12.88 -9.62
CA LEU A 130 -0.45 12.88 -9.96
C LEU A 130 0.00 14.29 -9.69
N TRP A 131 0.71 14.49 -8.59
CA TRP A 131 1.16 15.86 -8.23
C TRP A 131 2.64 15.82 -7.96
N VAL A 132 3.26 16.96 -8.20
CA VAL A 132 4.73 17.07 -8.13
C VAL A 132 5.13 18.35 -7.43
N PHE A 133 6.25 18.27 -6.75
CA PHE A 133 7.05 19.47 -6.41
C PHE A 133 7.41 20.15 -7.71
N SER A 134 7.40 21.49 -7.70
CA SER A 134 7.53 22.25 -8.93
C SER A 134 8.23 23.58 -8.69
N SER A 135 8.50 24.25 -9.79
CA SER A 135 8.98 25.66 -9.79
C SER A 135 7.96 26.57 -9.15
N GLU A 136 6.73 26.16 -8.92
CA GLU A 136 5.68 26.98 -8.29
C GLU A 136 5.63 26.69 -6.81
N THR A 137 6.31 25.68 -6.28
CA THR A 137 6.14 25.34 -4.87
C THR A 137 6.82 26.42 -4.01
N THR A 138 6.10 26.89 -3.02
CA THR A 138 6.61 27.84 -2.00
C THR A 138 8.03 27.45 -1.62
N ALA A 139 8.99 28.37 -1.75
CA ALA A 139 10.42 28.01 -1.70
C ALA A 139 10.76 27.40 -0.34
N SER A 140 10.20 27.92 0.73
CA SER A 140 10.50 27.44 2.10
C SER A 140 9.97 26.02 2.35
N GLU A 141 9.11 25.51 1.47
CA GLU A 141 8.52 24.18 1.58
C GLU A 141 9.26 23.18 0.70
N VAL A 142 10.31 23.57 0.04
CA VAL A 142 11.13 22.64 -0.77
C VAL A 142 12.44 22.43 -0.01
N ASP A 143 12.84 21.20 0.23
CA ASP A 143 14.11 20.90 0.91
C ASP A 143 14.72 19.63 0.32
N GLY A 144 15.29 19.77 -0.84
CA GLY A 144 16.05 18.68 -1.46
C GLY A 144 15.33 17.95 -2.57
N GLN A 145 14.02 18.14 -2.71
CA GLN A 145 13.27 17.43 -3.78
C GLN A 145 13.68 17.93 -5.13
N THR A 146 13.56 17.09 -6.15
CA THR A 146 13.67 17.49 -7.54
C THR A 146 12.36 18.11 -7.96
N ILE A 147 12.37 19.20 -8.67
CA ILE A 147 11.15 19.92 -9.07
C ILE A 147 10.90 19.80 -10.55
N TYR A 148 9.63 19.78 -10.89
CA TYR A 148 9.15 19.94 -12.27
C TYR A 148 9.07 21.44 -12.60
N THR A 149 9.63 21.84 -13.72
CA THR A 149 9.57 23.24 -14.18
C THR A 149 8.83 23.24 -15.51
N PRO A 150 7.51 23.55 -15.52
CA PRO A 150 6.77 23.49 -16.76
C PRO A 150 7.29 24.42 -17.85
N SER A 151 7.85 25.56 -17.45
CA SER A 151 8.33 26.55 -18.43
C SER A 151 9.49 25.97 -19.23
N LYS A 152 10.14 24.90 -18.80
CA LYS A 152 11.24 24.28 -19.54
C LYS A 152 10.75 23.11 -20.38
N SER A 153 9.47 22.81 -20.37
CA SER A 153 8.92 21.70 -21.17
C SER A 153 8.16 22.24 -22.35
N THR A 154 8.54 21.83 -23.54
CA THR A 154 7.93 22.33 -24.78
C THR A 154 6.53 21.78 -24.93
N THR A 155 6.18 20.71 -24.21
CA THR A 155 4.87 20.07 -24.31
C THR A 155 3.94 20.46 -23.14
N ALA A 156 4.40 21.22 -22.19
CA ALA A 156 3.55 21.61 -21.05
C ALA A 156 2.53 22.67 -21.49
N LYS A 157 1.29 22.54 -21.05
N LYS A 157 1.33 22.58 -20.98
N LYS A 157 1.29 22.54 -21.05
N LYS A 157 1.32 22.57 -21.00
CA LYS A 157 0.22 23.57 -21.28
CA LYS A 157 0.27 23.57 -21.21
CA LYS A 157 0.22 23.56 -21.28
CA LYS A 157 0.26 23.57 -21.22
C LYS A 157 -0.58 23.76 -19.99
C LYS A 157 -0.44 23.78 -19.88
C LYS A 157 -0.58 23.76 -19.99
C LYS A 157 -0.46 23.78 -19.88
N LEU A 158 -0.67 25.02 -19.50
CA LEU A 158 -1.51 25.31 -18.32
C LEU A 158 -2.89 24.77 -18.60
N LEU A 159 -3.48 24.09 -17.67
CA LEU A 159 -4.89 23.68 -17.73
C LEU A 159 -5.65 24.83 -17.04
N SER A 160 -6.07 25.80 -17.86
N SER A 160 -6.22 25.69 -17.89
N SER A 160 -6.06 25.80 -17.87
N SER A 160 -6.22 25.69 -17.89
CA SER A 160 -6.51 27.11 -17.35
CA SER A 160 -6.71 27.02 -17.48
CA SER A 160 -6.51 27.11 -17.35
CA SER A 160 -6.71 27.02 -17.48
C SER A 160 -7.70 26.96 -16.42
C SER A 160 -7.79 26.91 -16.41
C SER A 160 -7.70 26.96 -16.42
C SER A 160 -7.79 26.91 -16.41
N GLY A 161 -7.58 27.55 -15.25
CA GLY A 161 -8.62 27.61 -14.22
C GLY A 161 -8.64 26.41 -13.31
N ALA A 162 -7.87 25.36 -13.60
CA ALA A 162 -7.95 24.14 -12.78
C ALA A 162 -7.09 24.27 -11.53
N THR A 163 -7.63 23.84 -10.42
CA THR A 163 -6.89 23.77 -9.16
C THR A 163 -7.11 22.41 -8.55
N TRP A 164 -6.31 22.13 -7.53
CA TRP A 164 -6.40 20.85 -6.82
C TRP A 164 -5.99 21.07 -5.36
N SER A 165 -6.48 20.18 -4.54
CA SER A 165 -6.19 20.21 -3.10
C SER A 165 -6.55 18.86 -2.55
N ILE A 166 -5.58 18.25 -1.86
CA ILE A 166 -5.76 16.89 -1.35
C ILE A 166 -5.26 16.81 0.09
N SER A 167 -5.94 15.96 0.84
CA SER A 167 -5.58 15.63 2.25
C SER A 167 -5.47 14.12 2.34
N TYR A 168 -4.45 13.58 2.94
CA TYR A 168 -4.24 12.12 3.02
C TYR A 168 -4.64 11.64 4.41
N GLY A 169 -4.75 10.32 4.54
CA GLY A 169 -5.11 9.67 5.81
C GLY A 169 -4.17 9.98 6.95
N ASP A 170 -2.90 10.31 6.70
CA ASP A 170 -1.89 10.62 7.72
C ASP A 170 -1.94 12.10 8.13
N GLY A 171 -2.88 12.89 7.62
CA GLY A 171 -2.91 14.33 7.96
C GLY A 171 -2.13 15.21 7.02
N SER A 172 -1.38 14.65 6.07
CA SER A 172 -0.57 15.49 5.17
C SER A 172 -1.48 16.00 4.05
N SER A 173 -0.97 17.01 3.37
CA SER A 173 -1.76 17.72 2.33
C SER A 173 -0.87 18.46 1.37
N SER A 174 -1.48 18.78 0.22
CA SER A 174 -0.83 19.57 -0.81
C SER A 174 -1.92 20.18 -1.71
N SER A 175 -1.53 21.22 -2.44
CA SER A 175 -2.49 21.89 -3.34
C SER A 175 -1.75 22.72 -4.36
N GLY A 176 -2.46 23.08 -5.45
CA GLY A 176 -1.83 23.91 -6.45
C GLY A 176 -2.69 24.06 -7.68
N ASP A 177 -1.99 24.23 -8.81
CA ASP A 177 -2.63 24.36 -10.14
C ASP A 177 -2.21 23.21 -11.05
N VAL A 178 -2.57 23.24 -12.32
CA VAL A 178 -2.51 22.01 -13.14
C VAL A 178 -1.95 22.33 -14.50
N TYR A 179 -1.08 21.50 -15.00
CA TYR A 179 -0.59 21.52 -16.39
C TYR A 179 -0.98 20.22 -17.05
N THR A 180 -1.07 20.18 -18.34
CA THR A 180 -1.03 18.88 -19.04
C THR A 180 0.36 18.76 -19.66
N ASP A 181 0.84 17.52 -19.70
CA ASP A 181 2.19 17.29 -20.29
C ASP A 181 2.27 15.80 -20.64
N THR A 182 3.36 15.44 -21.28
CA THR A 182 3.68 14.03 -21.59
C THR A 182 4.32 13.40 -20.38
N VAL A 183 3.84 12.24 -19.99
CA VAL A 183 4.34 11.52 -18.82
C VAL A 183 4.64 10.10 -19.26
N SER A 184 5.84 9.63 -18.92
CA SER A 184 6.25 8.25 -19.23
C SER A 184 6.69 7.53 -18.01
N VAL A 185 6.27 6.28 -17.88
CA VAL A 185 6.65 5.39 -16.77
C VAL A 185 7.19 4.12 -17.38
N GLY A 186 8.48 3.85 -17.20
CA GLY A 186 8.99 2.55 -17.61
C GLY A 186 8.82 2.29 -19.09
N GLY A 187 8.88 3.34 -19.91
CA GLY A 187 8.71 3.20 -21.36
C GLY A 187 7.29 3.35 -21.86
N LEU A 188 6.28 3.46 -21.01
CA LEU A 188 4.88 3.67 -21.40
C LEU A 188 4.58 5.14 -21.34
N THR A 189 4.13 5.73 -22.44
CA THR A 189 3.93 7.19 -22.53
C THR A 189 2.48 7.53 -22.64
N VAL A 190 2.05 8.52 -21.88
CA VAL A 190 0.73 9.17 -21.99
C VAL A 190 0.92 10.61 -22.37
N THR A 191 0.27 11.04 -23.44
CA THR A 191 0.22 12.47 -23.75
C THR A 191 -1.01 13.11 -23.12
N GLY A 192 -0.89 14.38 -22.77
CA GLY A 192 -2.02 15.11 -22.20
C GLY A 192 -2.33 14.70 -20.77
N GLN A 193 -1.42 14.13 -20.02
CA GLN A 193 -1.67 13.75 -18.63
C GLN A 193 -1.76 15.03 -17.80
N ALA A 194 -2.71 15.06 -16.87
CA ALA A 194 -2.75 16.14 -15.88
C ALA A 194 -1.63 15.97 -14.87
N VAL A 195 -0.78 16.93 -14.81
CA VAL A 195 0.35 17.00 -13.88
C VAL A 195 0.02 18.14 -12.93
N GLU A 196 -0.28 17.80 -11.68
CA GLU A 196 -0.75 18.78 -10.69
C GLU A 196 0.48 19.36 -10.03
N SER A 197 0.70 20.64 -10.22
CA SER A 197 1.88 21.37 -9.74
C SER A 197 1.61 21.89 -8.36
N ALA A 198 2.41 21.53 -7.36
CA ALA A 198 2.16 22.00 -6.00
C ALA A 198 2.59 23.45 -5.83
N LYS A 199 1.69 24.25 -5.31
CA LYS A 199 2.06 25.58 -4.75
C LYS A 199 2.35 25.45 -3.26
N LYS A 200 1.71 24.54 -2.56
CA LYS A 200 1.85 24.35 -1.11
C LYS A 200 1.92 22.86 -0.84
N VAL A 201 2.79 22.48 0.08
CA VAL A 201 2.82 21.10 0.61
C VAL A 201 2.93 21.17 2.13
N SER A 202 2.44 20.19 2.81
CA SER A 202 2.55 20.14 4.29
C SER A 202 3.94 19.69 4.69
N SER A 203 4.22 19.85 5.98
CA SER A 203 5.58 19.66 6.53
C SER A 203 6.08 18.24 6.27
N SER A 204 5.25 17.24 6.31
CA SER A 204 5.72 15.85 6.14
C SER A 204 6.31 15.70 4.73
N PHE A 205 5.74 16.36 3.71
CA PHE A 205 6.31 16.29 2.35
C PHE A 205 7.61 17.02 2.33
N THR A 206 7.67 18.25 2.84
CA THR A 206 8.92 19.02 2.82
C THR A 206 10.07 18.22 3.44
N GLU A 207 9.76 17.55 4.52
CA GLU A 207 10.79 16.87 5.36
C GLU A 207 11.24 15.60 4.67
N ASP A 208 10.53 15.11 3.68
CA ASP A 208 10.97 13.89 2.98
C ASP A 208 11.62 14.25 1.64
N SER A 209 12.90 14.41 1.63
CA SER A 209 13.63 14.89 0.43
C SER A 209 13.61 13.87 -0.71
N THR A 210 13.28 12.62 -0.39
CA THR A 210 13.36 11.52 -1.37
C THR A 210 12.12 11.41 -2.23
N ILE A 211 11.02 12.04 -1.88
CA ILE A 211 9.74 11.90 -2.63
C ILE A 211 9.45 13.20 -3.32
N ASP A 212 9.43 13.18 -4.65
CA ASP A 212 9.22 14.38 -5.46
C ASP A 212 7.76 14.61 -5.81
N GLY A 213 6.88 13.75 -5.36
CA GLY A 213 5.43 13.83 -5.61
C GLY A 213 4.84 12.45 -5.59
N LEU A 214 3.55 12.40 -5.92
CA LEU A 214 2.72 11.17 -5.88
C LEU A 214 2.17 10.90 -7.25
N LEU A 215 2.02 9.62 -7.58
CA LEU A 215 1.29 9.23 -8.79
C LEU A 215 0.17 8.33 -8.34
N GLY A 216 -1.05 8.84 -8.40
CA GLY A 216 -2.22 8.11 -7.90
C GLY A 216 -2.68 7.05 -8.89
N LEU A 217 -3.06 5.90 -8.34
CA LEU A 217 -3.49 4.71 -9.11
C LEU A 217 -4.79 4.16 -8.59
N ALA A 218 -5.50 4.89 -7.74
CA ALA A 218 -6.91 4.53 -7.41
C ALA A 218 -7.80 4.98 -8.54
N PHE A 219 -9.12 4.91 -8.36
CA PHE A 219 -10.05 5.20 -9.47
C PHE A 219 -10.15 6.72 -9.64
N SER A 220 -10.38 7.14 -10.89
CA SER A 220 -10.33 8.59 -11.22
C SER A 220 -11.44 9.39 -10.55
N THR A 221 -12.49 8.74 -10.07
CA THR A 221 -13.56 9.37 -9.28
C THR A 221 -13.03 10.07 -8.04
N LEU A 222 -11.83 9.70 -7.53
CA LEU A 222 -11.23 10.39 -6.37
C LEU A 222 -10.36 11.58 -6.75
N ASN A 223 -10.10 11.81 -8.05
CA ASN A 223 -9.20 12.90 -8.42
C ASN A 223 -9.73 14.23 -7.93
N THR A 224 -8.90 15.09 -7.42
CA THR A 224 -9.36 16.32 -6.74
C THR A 224 -9.36 17.53 -7.69
N VAL A 225 -9.00 17.42 -8.94
CA VAL A 225 -8.96 18.63 -9.78
C VAL A 225 -10.36 19.18 -9.99
N SER A 226 -10.46 20.51 -9.85
CA SER A 226 -11.69 21.27 -10.00
C SER A 226 -11.42 22.41 -10.96
N PRO A 227 -12.39 22.81 -11.82
CA PRO A 227 -13.75 22.27 -11.88
C PRO A 227 -13.94 21.05 -12.76
N THR A 228 -12.89 20.60 -13.43
CA THR A 228 -12.94 19.50 -14.39
C THR A 228 -12.07 18.38 -13.81
N GLN A 229 -12.67 17.33 -13.30
CA GLN A 229 -11.92 16.22 -12.72
C GLN A 229 -11.05 15.61 -13.82
N GLN A 230 -9.86 15.14 -13.41
CA GLN A 230 -8.88 14.57 -14.34
C GLN A 230 -8.71 13.06 -14.13
N LYS A 231 -8.19 12.41 -15.16
CA LYS A 231 -7.91 10.98 -15.12
C LYS A 231 -6.52 10.64 -14.61
N THR A 232 -6.43 9.48 -13.95
CA THR A 232 -5.10 8.96 -13.56
C THR A 232 -4.27 8.57 -14.79
N PHE A 233 -3.00 8.41 -14.54
CA PHE A 233 -2.08 7.90 -15.56
C PHE A 233 -2.57 6.55 -16.06
N PHE A 234 -3.00 5.65 -15.19
CA PHE A 234 -3.48 4.32 -15.62
C PHE A 234 -4.73 4.46 -16.45
N ASP A 235 -5.68 5.27 -16.03
CA ASP A 235 -6.91 5.43 -16.81
C ASP A 235 -6.59 6.01 -18.17
N ASN A 236 -5.70 6.96 -18.31
CA ASN A 236 -5.32 7.49 -19.63
C ASN A 236 -4.55 6.46 -20.43
N ALA A 237 -3.77 5.59 -19.85
CA ALA A 237 -2.99 4.59 -20.59
C ALA A 237 -3.80 3.40 -21.03
N LYS A 238 -4.92 3.13 -20.34
N LYS A 238 -4.90 3.13 -20.36
N LYS A 238 -4.92 3.13 -20.34
N LYS A 238 -4.89 3.14 -20.35
CA LYS A 238 -5.58 1.79 -20.27
CA LYS A 238 -5.58 1.82 -20.37
CA LYS A 238 -5.58 1.79 -20.27
CA LYS A 238 -5.55 1.81 -20.40
C LYS A 238 -5.98 1.27 -21.67
C LYS A 238 -5.84 1.30 -21.77
C LYS A 238 -5.98 1.27 -21.67
C LYS A 238 -5.81 1.31 -21.80
N ALA A 239 -6.45 2.14 -22.58
CA ALA A 239 -6.95 1.69 -23.89
C ALA A 239 -5.75 1.28 -24.73
N SER A 240 -4.56 1.84 -24.54
CA SER A 240 -3.33 1.55 -25.29
C SER A 240 -2.66 0.28 -24.79
N LEU A 241 -2.95 -0.15 -23.57
CA LEU A 241 -2.19 -1.27 -22.98
C LEU A 241 -2.53 -2.60 -23.62
N ASP A 242 -1.63 -3.53 -23.61
CA ASP A 242 -1.91 -4.88 -24.13
C ASP A 242 -3.03 -5.55 -23.34
N SER A 243 -3.09 -5.31 -22.04
N SER A 243 -3.00 -5.38 -22.02
N SER A 243 -3.09 -5.31 -22.04
N SER A 243 -3.00 -5.38 -22.02
CA SER A 243 -4.11 -5.84 -21.10
CA SER A 243 -4.10 -5.77 -21.10
CA SER A 243 -4.10 -5.84 -21.10
CA SER A 243 -4.10 -5.77 -21.10
C SER A 243 -4.36 -4.71 -20.10
C SER A 243 -4.37 -4.61 -20.14
C SER A 243 -4.36 -4.71 -20.10
C SER A 243 -4.37 -4.61 -20.14
N PRO A 244 -5.61 -4.45 -19.68
CA PRO A 244 -5.92 -3.29 -18.85
C PRO A 244 -5.61 -3.50 -17.37
N VAL A 245 -4.34 -3.67 -17.08
CA VAL A 245 -3.85 -4.09 -15.77
C VAL A 245 -2.59 -3.34 -15.41
N PHE A 246 -2.31 -3.25 -14.12
CA PHE A 246 -0.94 -2.98 -13.68
C PHE A 246 -0.66 -3.90 -12.48
N THR A 247 0.59 -4.14 -12.21
CA THR A 247 0.98 -5.03 -11.13
C THR A 247 1.98 -4.34 -10.21
N ALA A 248 1.86 -4.65 -8.94
CA ALA A 248 2.77 -4.17 -7.90
C ALA A 248 3.51 -5.34 -7.33
N ASP A 249 4.84 -5.26 -7.36
CA ASP A 249 5.72 -6.29 -6.85
C ASP A 249 6.74 -5.62 -5.95
N LEU A 250 6.33 -5.29 -4.74
CA LEU A 250 7.17 -4.49 -3.82
C LEU A 250 8.16 -5.41 -3.14
N GLY A 251 9.38 -4.93 -2.95
CA GLY A 251 10.41 -5.67 -2.25
C GLY A 251 10.43 -5.45 -0.76
N TYR A 252 10.92 -6.42 -0.02
CA TYR A 252 11.25 -6.29 1.40
C TYR A 252 12.70 -5.89 1.49
N HIS A 253 12.93 -4.66 1.90
CA HIS A 253 14.29 -4.12 2.04
C HIS A 253 15.03 -4.30 0.74
N ALA A 254 14.36 -4.08 -0.40
CA ALA A 254 14.95 -4.33 -1.71
C ALA A 254 14.06 -3.67 -2.75
N PRO A 255 14.60 -3.37 -3.92
CA PRO A 255 13.78 -2.87 -5.03
C PRO A 255 12.76 -3.91 -5.50
N GLY A 256 11.75 -3.40 -6.18
CA GLY A 256 10.70 -4.20 -6.80
C GLY A 256 10.29 -3.58 -8.10
N THR A 257 9.09 -3.88 -8.58
CA THR A 257 8.66 -3.52 -9.91
C THR A 257 7.20 -3.13 -9.98
N TYR A 258 6.89 -2.09 -10.74
CA TYR A 258 5.54 -1.79 -11.22
C TYR A 258 5.53 -2.06 -12.71
N ASN A 259 4.64 -2.95 -13.15
CA ASN A 259 4.41 -3.19 -14.58
C ASN A 259 3.05 -2.72 -14.99
N PHE A 260 2.95 -2.25 -16.22
CA PHE A 260 1.70 -1.78 -16.81
C PHE A 260 1.44 -2.55 -18.09
N GLY A 261 0.26 -3.15 -18.19
CA GLY A 261 -0.20 -3.75 -19.44
C GLY A 261 0.12 -5.19 -19.58
N PHE A 262 0.77 -5.86 -18.65
CA PHE A 262 1.07 -7.27 -18.77
C PHE A 262 1.31 -7.86 -17.41
N ILE A 263 1.20 -9.16 -17.30
N ILE A 263 1.09 -9.16 -17.29
N ILE A 263 1.20 -9.17 -17.30
N ILE A 263 1.07 -9.15 -17.29
CA ILE A 263 1.41 -9.88 -16.03
CA ILE A 263 1.52 -10.04 -16.16
CA ILE A 263 1.45 -9.91 -16.05
CA ILE A 263 1.47 -10.01 -16.13
C ILE A 263 2.65 -10.76 -16.26
C ILE A 263 2.85 -10.69 -16.44
C ILE A 263 2.69 -10.78 -16.27
C ILE A 263 2.82 -10.67 -16.43
N ASP A 264 3.77 -10.47 -15.54
CA ASP A 264 5.04 -11.19 -15.66
C ASP A 264 4.92 -12.50 -14.96
N THR A 265 4.71 -13.59 -15.73
CA THR A 265 4.46 -14.90 -15.14
C THR A 265 5.71 -15.44 -14.49
N THR A 266 6.87 -14.84 -14.61
CA THR A 266 8.10 -15.26 -13.93
C THR A 266 8.23 -14.64 -12.55
N ALA A 267 7.37 -13.68 -12.20
CA ALA A 267 7.55 -12.85 -11.01
C ALA A 267 6.85 -13.41 -9.77
N TYR A 268 6.16 -14.53 -9.90
N TYR A 268 6.16 -14.53 -9.90
N TYR A 268 6.13 -14.54 -9.89
N TYR A 268 6.14 -14.54 -9.90
CA TYR A 268 5.40 -15.08 -8.76
CA TYR A 268 5.40 -15.08 -8.76
CA TYR A 268 5.40 -15.16 -8.76
CA TYR A 268 5.40 -15.16 -8.76
C TYR A 268 5.49 -16.58 -8.81
C TYR A 268 5.49 -16.58 -8.81
C TYR A 268 5.41 -16.68 -8.86
C TYR A 268 5.42 -16.68 -8.87
N THR A 269 5.07 -17.21 -7.75
N THR A 269 5.07 -17.21 -7.75
N THR A 269 5.22 -17.32 -7.70
N THR A 269 5.22 -17.32 -7.70
CA THR A 269 5.09 -18.68 -7.63
CA THR A 269 5.07 -18.68 -7.63
CA THR A 269 5.05 -18.78 -7.53
CA THR A 269 5.07 -18.78 -7.53
C THR A 269 3.65 -19.16 -7.52
C THR A 269 3.63 -19.15 -7.53
C THR A 269 3.55 -19.12 -7.67
C THR A 269 3.57 -19.13 -7.65
N GLY A 270 3.42 -20.41 -7.88
N GLY A 270 3.39 -20.40 -7.93
N GLY A 270 3.22 -20.33 -8.13
N GLY A 270 3.24 -20.37 -8.02
CA GLY A 270 2.06 -20.94 -7.90
CA GLY A 270 2.03 -20.94 -7.91
CA GLY A 270 1.84 -20.82 -8.05
CA GLY A 270 1.85 -20.84 -7.97
C GLY A 270 1.17 -20.20 -8.88
C GLY A 270 1.09 -20.18 -8.82
C GLY A 270 0.86 -19.99 -8.87
C GLY A 270 0.93 -20.02 -8.87
N SER A 271 -0.09 -20.05 -8.49
N SER A 271 -0.15 -20.06 -8.37
N SER A 271 -0.39 -19.86 -8.41
N SER A 271 -0.34 -19.86 -8.48
CA SER A 271 -1.09 -19.40 -9.33
CA SER A 271 -1.24 -19.39 -9.12
CA SER A 271 -1.48 -19.19 -9.16
CA SER A 271 -1.34 -19.16 -9.31
C SER A 271 -1.58 -18.12 -8.65
C SER A 271 -1.51 -18.00 -8.56
C SER A 271 -1.81 -17.80 -8.58
C SER A 271 -1.78 -17.85 -8.65
N ILE A 272 -2.24 -17.28 -9.43
N ILE A 272 -2.19 -17.22 -9.37
N ILE A 272 -2.34 -16.90 -9.41
N ILE A 272 -2.36 -16.94 -9.45
CA ILE A 272 -2.78 -15.99 -8.93
CA ILE A 272 -2.78 -15.94 -8.92
CA ILE A 272 -2.93 -15.61 -8.98
CA ILE A 272 -2.93 -15.64 -8.98
C ILE A 272 -4.22 -16.28 -8.53
C ILE A 272 -4.22 -16.26 -8.53
C ILE A 272 -4.39 -15.84 -8.64
C ILE A 272 -4.39 -15.86 -8.64
N THR A 273 -4.61 -15.86 -7.33
N THR A 273 -4.62 -15.86 -7.32
N THR A 273 -4.78 -15.54 -7.40
N THR A 273 -4.78 -15.55 -7.40
CA THR A 273 -6.02 -15.94 -6.94
CA THR A 273 -6.03 -15.94 -6.93
CA THR A 273 -6.18 -15.68 -6.92
CA THR A 273 -6.18 -15.68 -6.92
C THR A 273 -6.65 -14.57 -7.04
C THR A 273 -6.65 -14.57 -7.04
C THR A 273 -6.86 -14.31 -7.06
C THR A 273 -6.85 -14.31 -7.06
N TYR A 274 -7.69 -14.47 -7.82
N TYR A 274 -7.69 -14.47 -7.82
N TYR A 274 -7.88 -14.21 -7.90
N TYR A 274 -7.88 -14.21 -7.90
CA TYR A 274 -8.41 -13.22 -8.04
CA TYR A 274 -8.41 -13.22 -8.06
CA TYR A 274 -8.60 -12.94 -8.07
CA TYR A 274 -8.61 -12.95 -8.07
C TYR A 274 -9.62 -13.07 -7.15
C TYR A 274 -9.62 -13.07 -7.15
C TYR A 274 -9.71 -12.91 -7.04
C TYR A 274 -9.72 -12.90 -7.03
N THR A 275 -9.95 -11.84 -6.79
N THR A 275 -9.95 -11.85 -6.79
N THR A 275 -10.17 -11.68 -6.85
N THR A 275 -10.17 -11.67 -6.84
CA THR A 275 -11.03 -11.57 -5.82
CA THR A 275 -11.02 -11.57 -5.81
CA THR A 275 -11.20 -11.30 -5.86
CA THR A 275 -11.21 -11.28 -5.85
C THR A 275 -11.75 -10.30 -6.24
C THR A 275 -11.75 -10.30 -6.24
C THR A 275 -11.86 -10.02 -6.35
C THR A 275 -11.87 -10.02 -6.35
N ALA A 276 -13.01 -10.18 -5.86
N ALA A 276 -13.01 -10.18 -5.85
N ALA A 276 -13.16 -9.95 -6.17
N ALA A 276 -13.17 -9.94 -6.17
CA ALA A 276 -13.88 -9.06 -6.27
CA ALA A 276 -13.88 -9.06 -6.27
CA ALA A 276 -13.92 -8.81 -6.70
CA ALA A 276 -13.94 -8.80 -6.68
C ALA A 276 -13.45 -7.73 -5.68
C ALA A 276 -13.45 -7.73 -5.68
C ALA A 276 -13.48 -7.52 -6.01
C ALA A 276 -13.49 -7.51 -6.00
N VAL A 277 -13.73 -6.68 -6.42
N VAL A 277 -13.72 -6.68 -6.42
N VAL A 277 -13.45 -6.45 -6.77
N VAL A 277 -13.46 -6.44 -6.77
CA VAL A 277 -13.43 -5.29 -6.04
CA VAL A 277 -13.42 -5.29 -6.04
CA VAL A 277 -13.25 -5.07 -6.25
CA VAL A 277 -13.25 -5.06 -6.25
C VAL A 277 -14.73 -4.49 -6.07
C VAL A 277 -14.72 -4.49 -6.08
C VAL A 277 -14.58 -4.31 -6.22
C VAL A 277 -14.57 -4.31 -6.22
N SER A 278 -14.87 -3.63 -5.10
CA SER A 278 -15.90 -2.57 -5.08
C SER A 278 -15.21 -1.26 -5.38
N THR A 279 -15.70 -0.50 -6.33
CA THR A 279 -15.20 0.85 -6.65
C THR A 279 -16.06 1.94 -6.00
N LYS A 280 -17.00 1.57 -5.14
CA LYS A 280 -17.97 2.53 -4.59
C LYS A 280 -17.32 3.66 -3.81
N GLN A 281 -16.19 3.47 -3.16
CA GLN A 281 -15.49 4.53 -2.45
C GLN A 281 -14.29 5.04 -3.28
N GLY A 282 -14.11 4.56 -4.51
CA GLY A 282 -12.99 5.00 -5.35
C GLY A 282 -11.70 4.26 -5.12
N PHE A 283 -11.69 3.27 -4.26
CA PHE A 283 -10.48 2.51 -3.90
C PHE A 283 -10.51 1.14 -4.52
N TRP A 284 -9.36 0.47 -4.45
N TRP A 284 -9.36 0.47 -4.45
N TRP A 284 -9.35 0.48 -4.53
N TRP A 284 -9.35 0.48 -4.53
CA TRP A 284 -9.23 -0.96 -4.76
CA TRP A 284 -9.23 -0.96 -4.76
CA TRP A 284 -9.26 -0.97 -4.79
CA TRP A 284 -9.26 -0.97 -4.79
C TRP A 284 -9.67 -1.76 -3.53
C TRP A 284 -9.67 -1.76 -3.53
C TRP A 284 -9.68 -1.66 -3.49
C TRP A 284 -9.68 -1.67 -3.50
N GLU A 285 -10.99 -1.76 -3.30
CA GLU A 285 -11.59 -2.28 -2.07
C GLU A 285 -12.01 -3.73 -2.29
N TRP A 286 -11.66 -4.60 -1.41
CA TRP A 286 -11.86 -6.02 -1.53
C TRP A 286 -12.16 -6.62 -0.17
N THR A 287 -12.44 -7.89 -0.08
CA THR A 287 -12.76 -8.58 1.18
C THR A 287 -11.87 -9.75 1.36
N SER A 288 -10.97 -9.68 2.33
CA SER A 288 -10.16 -10.82 2.72
C SER A 288 -11.03 -11.87 3.41
N THR A 289 -10.67 -13.11 3.28
CA THR A 289 -11.42 -14.21 3.85
C THR A 289 -10.97 -14.61 5.23
N GLY A 290 -9.95 -14.00 5.82
CA GLY A 290 -9.61 -14.27 7.22
C GLY A 290 -8.13 -14.17 7.49
N TYR A 291 -7.70 -14.68 8.62
CA TYR A 291 -6.30 -14.50 8.99
C TYR A 291 -5.85 -15.60 9.89
N ALA A 292 -4.54 -15.72 10.03
CA ALA A 292 -3.91 -16.57 11.05
C ALA A 292 -2.73 -15.81 11.64
N VAL A 293 -2.39 -16.12 12.88
CA VAL A 293 -1.21 -15.56 13.55
C VAL A 293 -0.19 -16.64 13.71
N GLY A 294 1.00 -16.47 13.20
CA GLY A 294 2.02 -17.49 13.29
C GLY A 294 1.55 -18.80 12.75
N SER A 295 1.82 -19.86 13.52
N SER A 295 1.78 -19.85 13.54
N SER A 295 1.83 -19.87 13.50
N SER A 295 1.79 -19.86 13.54
CA SER A 295 1.45 -21.26 13.16
CA SER A 295 1.44 -21.27 13.19
CA SER A 295 1.43 -21.25 13.12
CA SER A 295 1.44 -21.27 13.23
C SER A 295 0.03 -21.57 13.65
C SER A 295 -0.03 -21.56 13.51
C SER A 295 0.03 -21.57 13.65
C SER A 295 -0.03 -21.55 13.48
N GLY A 296 -0.74 -20.59 14.09
CA GLY A 296 -2.10 -20.78 14.57
C GLY A 296 -3.09 -21.14 13.49
N THR A 297 -4.26 -21.56 13.97
CA THR A 297 -5.36 -21.93 13.08
C THR A 297 -5.85 -20.71 12.29
N PHE A 298 -6.32 -20.92 11.11
CA PHE A 298 -6.87 -19.84 10.30
C PHE A 298 -8.26 -19.51 10.79
N LYS A 299 -8.58 -18.27 11.01
CA LYS A 299 -9.87 -17.75 11.39
C LYS A 299 -10.58 -17.26 10.14
N SER A 300 -11.67 -17.90 9.74
CA SER A 300 -12.48 -17.50 8.60
C SER A 300 -13.34 -16.33 9.01
N THR A 301 -13.16 -15.16 8.43
CA THR A 301 -13.90 -13.97 8.80
C THR A 301 -13.73 -12.99 7.66
N SER A 302 -14.73 -12.28 7.27
CA SER A 302 -14.64 -11.28 6.18
C SER A 302 -14.03 -10.01 6.66
N ILE A 303 -12.98 -9.53 6.02
CA ILE A 303 -12.32 -8.25 6.40
C ILE A 303 -12.31 -7.40 5.15
N ASP A 304 -13.22 -6.47 5.03
N ASP A 304 -13.12 -6.37 5.12
N ASP A 304 -13.23 -6.46 5.03
N ASP A 304 -13.11 -6.36 5.12
CA ASP A 304 -13.20 -5.48 3.94
CA ASP A 304 -13.20 -5.45 3.98
CA ASP A 304 -13.20 -5.47 3.94
CA ASP A 304 -13.22 -5.43 3.99
C ASP A 304 -11.94 -4.63 4.13
C ASP A 304 -12.11 -4.38 4.10
C ASP A 304 -11.95 -4.62 4.15
C ASP A 304 -12.12 -4.37 4.09
N GLY A 305 -11.29 -4.22 3.06
CA GLY A 305 -10.23 -3.23 3.15
C GLY A 305 -9.75 -2.82 1.80
N ILE A 306 -8.76 -1.96 1.75
CA ILE A 306 -8.25 -1.44 0.49
C ILE A 306 -6.82 -1.89 0.26
N ALA A 307 -6.44 -2.11 -0.98
CA ALA A 307 -5.05 -2.36 -1.35
C ALA A 307 -4.41 -1.03 -1.62
N ASP A 308 -3.49 -0.59 -0.75
CA ASP A 308 -2.97 0.79 -0.78
C ASP A 308 -1.45 0.84 -0.72
N THR A 309 -0.82 0.97 -1.88
CA THR A 309 0.66 1.01 -1.95
C THR A 309 1.21 2.26 -1.29
N GLY A 310 0.41 3.27 -1.11
CA GLY A 310 0.86 4.52 -0.50
C GLY A 310 0.76 4.53 1.01
N THR A 311 0.35 3.46 1.63
CA THR A 311 0.33 3.34 3.10
C THR A 311 1.38 2.34 3.53
N THR A 312 2.19 2.70 4.52
CA THR A 312 3.31 1.81 4.91
C THR A 312 2.85 0.52 5.55
N LEU A 313 1.95 0.64 6.51
CA LEU A 313 1.62 -0.45 7.42
C LEU A 313 0.31 -1.17 7.09
N LEU A 314 0.04 -2.23 7.82
CA LEU A 314 -1.20 -3.04 7.70
C LEU A 314 -2.12 -2.62 8.83
N TYR A 315 -3.27 -2.04 8.49
CA TYR A 315 -4.25 -1.56 9.47
C TYR A 315 -5.49 -2.44 9.44
N LEU A 316 -5.77 -3.13 10.53
CA LEU A 316 -6.86 -4.15 10.60
C LEU A 316 -7.70 -3.91 11.83
N PRO A 317 -8.84 -4.60 11.93
CA PRO A 317 -9.69 -4.39 13.09
C PRO A 317 -8.97 -4.68 14.40
N ALA A 318 -9.42 -4.00 15.46
CA ALA A 318 -8.75 -4.11 16.75
C ALA A 318 -8.72 -5.53 17.26
N THR A 319 -9.75 -6.30 17.01
CA THR A 319 -9.77 -7.71 17.48
C THR A 319 -8.61 -8.50 16.86
N VAL A 320 -8.40 -8.30 15.56
CA VAL A 320 -7.37 -9.06 14.80
C VAL A 320 -6.00 -8.63 15.31
N VAL A 321 -5.81 -7.31 15.45
CA VAL A 321 -4.52 -6.76 15.84
C VAL A 321 -4.16 -7.19 17.27
N SER A 322 -5.16 -7.19 18.18
CA SER A 322 -4.92 -7.65 19.54
C SER A 322 -4.50 -9.12 19.51
N ALA A 323 -5.17 -9.94 18.73
CA ALA A 323 -4.81 -11.35 18.65
C ALA A 323 -3.38 -11.54 18.15
N TYR A 324 -2.92 -10.72 17.24
CA TYR A 324 -1.53 -10.79 16.77
C TYR A 324 -0.56 -10.45 17.90
N TRP A 325 -0.71 -9.26 18.47
CA TRP A 325 0.30 -8.77 19.43
C TRP A 325 0.27 -9.53 20.74
N ALA A 326 -0.83 -10.21 21.05
CA ALA A 326 -0.90 -11.08 22.23
C ALA A 326 0.12 -12.20 22.13
N GLN A 327 0.61 -12.52 20.94
CA GLN A 327 1.61 -13.59 20.77
C GLN A 327 3.01 -13.06 20.91
N VAL A 328 3.23 -11.81 21.26
CA VAL A 328 4.58 -11.23 21.35
C VAL A 328 4.74 -10.77 22.81
N SER A 329 5.65 -11.37 23.58
N SER A 329 5.64 -11.43 23.54
N SER A 329 5.66 -11.38 23.57
N SER A 329 5.65 -11.43 23.51
CA SER A 329 5.78 -11.02 25.01
CA SER A 329 5.94 -11.11 24.96
CA SER A 329 5.88 -11.03 24.99
CA SER A 329 6.04 -11.12 24.91
C SER A 329 6.27 -9.59 25.14
C SER A 329 6.33 -9.65 25.06
C SER A 329 6.27 -9.57 25.11
C SER A 329 6.37 -9.64 25.02
N GLY A 330 5.58 -8.82 25.96
N GLY A 330 5.63 -8.91 25.88
N GLY A 330 5.57 -8.83 25.94
N GLY A 330 5.63 -8.93 25.86
CA GLY A 330 5.93 -7.43 26.22
CA GLY A 330 5.94 -7.51 26.19
CA GLY A 330 5.90 -7.44 26.24
CA GLY A 330 5.91 -7.53 26.20
C GLY A 330 5.33 -6.47 25.22
C GLY A 330 5.33 -6.52 25.21
C GLY A 330 5.32 -6.48 25.23
C GLY A 330 5.33 -6.53 25.23
N ALA A 331 4.58 -6.92 24.21
N ALA A 331 4.57 -6.94 24.20
N ALA A 331 4.60 -6.94 24.22
N ALA A 331 4.59 -6.97 24.20
CA ALA A 331 3.95 -6.00 23.26
CA ALA A 331 3.95 -6.00 23.26
CA ALA A 331 3.95 -6.01 23.27
CA ALA A 331 3.97 -6.02 23.27
C ALA A 331 2.73 -5.33 23.91
C ALA A 331 2.73 -5.33 23.91
C ALA A 331 2.83 -5.30 24.01
C ALA A 331 2.84 -5.29 24.01
N LYS A 332 2.54 -4.05 23.63
N LYS A 332 2.56 -4.05 23.63
N LYS A 332 2.53 -4.09 23.57
N LYS A 332 2.53 -4.08 23.58
CA LYS A 332 1.40 -3.32 24.18
CA LYS A 332 1.41 -3.32 24.19
CA LYS A 332 1.43 -3.33 24.17
CA LYS A 332 1.43 -3.33 24.18
C LYS A 332 1.04 -2.22 23.21
C LYS A 332 1.04 -2.22 23.21
C LYS A 332 1.09 -2.18 23.26
C LYS A 332 1.09 -2.19 23.25
N SER A 333 -0.20 -1.76 23.27
N SER A 333 -0.21 -1.77 23.28
N SER A 333 -0.11 -1.66 23.45
N SER A 333 -0.13 -1.71 23.42
CA SER A 333 -0.54 -0.48 22.63
CA SER A 333 -0.54 -0.48 22.64
CA SER A 333 -0.65 -0.52 22.68
CA SER A 333 -0.68 -0.57 22.69
C SER A 333 -0.12 0.66 23.56
C SER A 333 -0.12 0.65 23.57
C SER A 333 -0.40 0.76 23.47
C SER A 333 -0.41 0.70 23.48
N SER A 334 0.58 1.59 22.97
N SER A 334 0.63 1.55 22.99
N SER A 334 0.31 1.73 22.90
N SER A 334 0.39 1.62 22.93
CA SER A 334 1.08 2.79 23.64
CA SER A 334 1.13 2.76 23.64
CA SER A 334 0.71 3.00 23.53
CA SER A 334 0.84 2.87 23.57
C SER A 334 0.22 3.97 23.19
C SER A 334 0.26 3.93 23.21
C SER A 334 0.16 4.22 22.76
C SER A 334 0.17 4.07 22.90
N SER A 335 -0.53 4.59 24.10
N SER A 335 -0.51 4.54 24.11
N SER A 335 -0.75 4.95 23.42
N SER A 335 -0.76 4.70 23.62
CA SER A 335 -1.23 5.85 23.77
CA SER A 335 -1.29 5.74 23.78
CA SER A 335 -1.31 6.23 22.92
CA SER A 335 -1.48 5.89 23.13
C SER A 335 -0.19 6.94 23.48
C SER A 335 -0.40 6.99 23.74
C SER A 335 -0.18 7.27 22.77
C SER A 335 -0.47 7.04 22.97
N SER A 336 0.96 6.95 24.17
N SER A 336 0.92 6.88 24.00
N SER A 336 0.73 7.30 23.75
N SER A 336 0.57 7.07 23.82
CA SER A 336 2.04 7.98 23.99
CA SER A 336 1.87 8.02 23.85
CA SER A 336 1.96 8.15 23.75
CA SER A 336 1.66 8.08 23.76
C SER A 336 2.68 7.85 22.60
C SER A 336 2.67 7.87 22.54
C SER A 336 2.58 8.04 22.35
C SER A 336 2.41 7.97 22.43
N VAL A 337 2.88 6.63 22.14
N VAL A 337 2.90 6.64 22.09
N VAL A 337 2.96 6.83 21.98
N VAL A 337 2.88 6.77 22.08
CA VAL A 337 3.55 6.42 20.82
CA VAL A 337 3.58 6.44 20.78
CA VAL A 337 3.80 6.54 20.79
CA VAL A 337 3.74 6.53 20.89
C VAL A 337 2.52 6.47 19.69
C VAL A 337 2.53 6.47 19.66
C VAL A 337 2.94 6.57 19.52
C VAL A 337 2.90 6.57 19.60
N GLY A 338 1.29 6.05 19.98
N GLY A 338 1.30 6.05 19.96
N GLY A 338 1.67 6.13 19.63
N GLY A 338 1.65 6.13 19.66
CA GLY A 338 0.19 6.01 19.00
CA GLY A 338 0.19 6.01 19.00
CA GLY A 338 0.75 6.10 18.49
CA GLY A 338 0.75 6.10 18.49
C GLY A 338 0.05 4.67 18.28
C GLY A 338 0.05 4.67 18.28
C GLY A 338 0.55 4.72 17.89
C GLY A 338 0.55 4.72 17.89
N GLY A 339 0.29 3.58 18.98
N GLY A 339 0.29 3.58 18.98
N GLY A 339 0.70 3.68 18.68
N GLY A 339 0.70 3.68 18.68
CA GLY A 339 0.22 2.27 18.30
CA GLY A 339 0.22 2.27 18.30
CA GLY A 339 0.10 2.35 18.45
CA GLY A 339 0.10 2.35 18.44
C GLY A 339 0.89 1.22 19.15
C GLY A 339 0.89 1.22 19.15
C GLY A 339 0.85 1.25 19.17
C GLY A 339 0.85 1.25 19.17
N TYR A 340 0.75 -0.02 18.71
N TYR A 340 0.75 -0.02 18.71
N TYR A 340 0.86 0.09 18.57
N TYR A 340 0.86 0.08 18.57
CA TYR A 340 1.47 -1.17 19.30
CA TYR A 340 1.47 -1.17 19.30
CA TYR A 340 1.50 -1.10 19.17
CA TYR A 340 1.50 -1.10 19.17
C TYR A 340 2.98 -1.02 19.09
C TYR A 340 2.98 -1.02 19.09
C TYR A 340 3.03 -0.97 19.05
C TYR A 340 3.03 -0.97 19.05
N VAL A 341 3.67 -1.21 20.20
N VAL A 341 3.67 -1.21 20.20
N VAL A 341 3.65 -1.32 20.18
N VAL A 341 3.65 -1.32 20.18
CA VAL A 341 5.14 -1.35 20.26
CA VAL A 341 5.14 -1.35 20.26
CA VAL A 341 5.13 -1.31 20.40
CA VAL A 341 5.13 -1.31 20.40
C VAL A 341 5.43 -2.70 20.89
C VAL A 341 5.43 -2.70 20.89
C VAL A 341 5.49 -2.68 20.95
C VAL A 341 5.49 -2.68 20.95
N PHE A 342 6.70 -3.07 20.83
N PHE A 342 6.70 -3.07 20.83
N PHE A 342 6.68 -3.16 20.59
N PHE A 342 6.68 -3.16 20.59
CA PHE A 342 7.10 -4.38 21.32
CA PHE A 342 7.10 -4.38 21.32
CA PHE A 342 7.17 -4.48 21.01
CA PHE A 342 7.17 -4.48 21.01
C PHE A 342 8.59 -4.31 21.58
C PHE A 342 8.59 -4.31 21.58
C PHE A 342 8.65 -4.37 21.39
C PHE A 342 8.65 -4.37 21.39
N PRO A 343 9.10 -5.26 22.39
N PRO A 343 9.10 -5.26 22.39
N PRO A 343 9.14 -5.24 22.30
N PRO A 343 9.14 -5.25 22.29
CA PRO A 343 10.55 -5.35 22.58
CA PRO A 343 10.55 -5.35 22.58
CA PRO A 343 10.50 -5.11 22.78
CA PRO A 343 10.50 -5.11 22.78
C PRO A 343 11.37 -5.55 21.32
C PRO A 343 11.37 -5.55 21.32
C PRO A 343 11.34 -5.50 21.57
C PRO A 343 11.34 -5.50 21.57
N CYS A 344 12.39 -4.73 21.20
CA CYS A 344 13.25 -4.96 20.05
C CYS A 344 13.93 -6.32 20.12
N SER A 345 14.00 -6.94 21.26
CA SER A 345 14.57 -8.28 21.43
C SER A 345 13.66 -9.37 20.92
N ALA A 346 12.40 -9.09 20.58
CA ALA A 346 11.43 -10.14 20.18
C ALA A 346 11.75 -10.67 18.81
N THR A 347 11.37 -11.92 18.61
CA THR A 347 11.19 -12.54 17.27
C THR A 347 9.70 -12.52 16.96
N LEU A 348 9.27 -11.85 15.90
CA LEU A 348 7.84 -11.68 15.62
C LEU A 348 7.28 -12.89 14.87
N PRO A 349 6.06 -13.28 15.15
CA PRO A 349 5.37 -14.29 14.35
C PRO A 349 4.94 -13.75 13.00
N SER A 350 4.75 -14.65 12.06
CA SER A 350 4.16 -14.28 10.78
C SER A 350 2.69 -13.93 10.94
N PHE A 351 2.13 -13.36 9.91
CA PHE A 351 0.71 -13.05 9.83
C PHE A 351 0.21 -13.52 8.47
N THR A 352 -0.85 -14.31 8.44
CA THR A 352 -1.42 -14.79 7.17
C THR A 352 -2.73 -14.10 6.90
N PHE A 353 -3.00 -13.66 5.70
CA PHE A 353 -4.32 -13.18 5.31
C PHE A 353 -4.85 -14.00 4.15
N GLY A 354 -6.19 -14.16 4.13
CA GLY A 354 -6.85 -14.94 3.10
C GLY A 354 -7.25 -14.11 1.91
N VAL A 355 -7.02 -14.72 0.72
N VAL A 355 -7.03 -14.72 0.72
N VAL A 355 -7.13 -14.71 0.71
N VAL A 355 -7.13 -14.71 0.71
CA VAL A 355 -7.56 -14.25 -0.57
CA VAL A 355 -7.56 -14.24 -0.57
CA VAL A 355 -7.59 -14.11 -0.56
CA VAL A 355 -7.59 -14.11 -0.56
C VAL A 355 -8.32 -15.43 -1.14
C VAL A 355 -8.32 -15.42 -1.15
C VAL A 355 -8.45 -15.18 -1.23
C VAL A 355 -8.45 -15.18 -1.23
N GLY A 356 -9.64 -15.41 -1.03
N GLY A 356 -9.64 -15.40 -1.04
N GLY A 356 -9.78 -15.08 -1.17
N GLY A 356 -9.77 -15.08 -1.17
CA GLY A 356 -10.43 -16.60 -1.36
CA GLY A 356 -10.43 -16.60 -1.36
CA GLY A 356 -10.60 -16.22 -1.57
CA GLY A 356 -10.63 -16.22 -1.53
C GLY A 356 -9.89 -17.78 -0.56
C GLY A 356 -9.86 -17.77 -0.58
C GLY A 356 -10.18 -17.44 -0.76
C GLY A 356 -10.14 -17.46 -0.79
N SER A 357 -9.73 -18.94 -1.19
N SER A 357 -9.60 -18.90 -1.24
N SER A 357 -9.95 -18.59 -1.41
N SER A 357 -9.83 -18.53 -1.51
CA SER A 357 -9.16 -20.13 -0.53
CA SER A 357 -9.04 -20.10 -0.58
CA SER A 357 -9.49 -19.82 -0.73
CA SER A 357 -9.35 -19.81 -0.94
C SER A 357 -7.64 -20.05 -0.43
C SER A 357 -7.53 -20.02 -0.45
C SER A 357 -7.95 -19.88 -0.62
C SER A 357 -7.82 -19.79 -0.66
N ALA A 358 -7.02 -19.06 -1.01
N ALA A 358 -6.93 -19.05 -1.07
N ALA A 358 -7.22 -18.85 -1.05
N ALA A 358 -7.10 -18.79 -1.17
CA ALA A 358 -5.57 -18.95 -0.93
CA ALA A 358 -5.48 -18.90 -0.99
CA ALA A 358 -5.73 -18.73 -1.03
CA ALA A 358 -5.62 -18.65 -1.11
C ALA A 358 -5.14 -18.13 0.29
C ALA A 358 -5.13 -18.11 0.27
C ALA A 358 -5.19 -18.04 0.24
C ALA A 358 -5.16 -18.02 0.22
N ARG A 359 -3.87 -18.15 0.54
CA ARG A 359 -3.30 -17.59 1.77
C ARG A 359 -2.04 -16.84 1.40
N ILE A 360 -1.83 -15.63 1.90
CA ILE A 360 -0.57 -14.88 1.74
C ILE A 360 0.04 -14.79 3.11
N VAL A 361 1.27 -15.19 3.23
CA VAL A 361 1.99 -15.16 4.51
C VAL A 361 2.95 -14.00 4.55
N ILE A 362 2.77 -13.13 5.54
CA ILE A 362 3.68 -12.01 5.82
C ILE A 362 4.69 -12.50 6.86
N PRO A 363 5.97 -12.63 6.52
CA PRO A 363 6.95 -13.06 7.52
C PRO A 363 6.99 -12.07 8.67
N GLY A 364 7.35 -12.59 9.86
CA GLY A 364 7.47 -11.73 11.04
C GLY A 364 8.39 -10.56 10.86
N ASP A 365 9.50 -10.77 10.14
N ASP A 365 9.52 -10.70 10.17
N ASP A 365 9.49 -10.76 10.15
N ASP A 365 9.52 -10.70 10.17
CA ASP A 365 10.46 -9.67 9.96
CA ASP A 365 10.47 -9.56 10.11
CA ASP A 365 10.45 -9.66 10.02
CA ASP A 365 10.47 -9.56 10.11
C ASP A 365 9.82 -8.47 9.26
C ASP A 365 9.91 -8.46 9.19
C ASP A 365 9.84 -8.48 9.27
C ASP A 365 9.91 -8.46 9.19
N TYR A 366 8.86 -8.71 8.42
CA TYR A 366 8.21 -7.61 7.66
C TYR A 366 7.42 -6.70 8.62
N ILE A 367 7.11 -7.17 9.81
CA ILE A 367 6.24 -6.46 10.77
C ILE A 367 7.10 -5.63 11.73
N ASP A 368 8.43 -5.66 11.59
N ASP A 368 8.43 -5.71 11.65
CA ASP A 368 9.32 -4.89 12.48
CA ASP A 368 9.35 -4.92 12.49
C ASP A 368 9.68 -3.58 11.85
C ASP A 368 9.68 -3.58 11.83
N PHE A 369 9.24 -2.48 12.46
CA PHE A 369 9.55 -1.13 11.96
C PHE A 369 10.57 -0.44 12.87
N GLY A 370 11.30 -1.17 13.66
CA GLY A 370 12.52 -0.68 14.31
C GLY A 370 12.19 0.23 15.48
N PRO A 371 13.27 0.75 16.12
CA PRO A 371 13.12 1.54 17.34
C PRO A 371 12.21 2.71 17.14
N ILE A 372 11.45 3.02 18.18
N ILE A 372 11.45 3.02 18.18
N ILE A 372 11.45 3.02 18.19
N ILE A 372 11.45 3.02 18.19
CA ILE A 372 10.49 4.16 18.09
CA ILE A 372 10.49 4.16 18.09
CA ILE A 372 10.48 4.14 18.12
CA ILE A 372 10.48 4.14 18.12
C ILE A 372 11.25 5.48 17.97
C ILE A 372 11.25 5.48 17.97
C ILE A 372 11.19 5.48 18.06
C ILE A 372 11.19 5.48 18.07
N SER A 373 12.42 5.55 18.56
CA SER A 373 13.34 6.71 18.49
C SER A 373 14.70 6.12 18.50
N THR A 374 15.67 6.88 17.96
CA THR A 374 16.96 6.35 17.83
C THR A 374 17.53 5.81 19.16
N GLY A 375 18.04 4.60 19.20
CA GLY A 375 18.61 4.01 20.36
C GLY A 375 17.65 3.32 21.34
N SER A 376 16.33 3.46 21.09
CA SER A 376 15.32 2.86 21.98
C SER A 376 15.32 1.36 21.84
N SER A 377 15.02 0.68 22.88
CA SER A 377 14.74 -0.78 22.84
C SER A 377 13.27 -1.09 22.67
N SER A 378 12.41 -0.10 22.49
N SER A 378 12.40 -0.08 22.53
N SER A 378 12.42 -0.10 22.41
N SER A 378 12.42 -0.10 22.43
CA SER A 378 11.00 -0.29 22.09
CA SER A 378 10.99 -0.24 22.13
CA SER A 378 11.03 -0.38 22.02
CA SER A 378 11.00 -0.31 22.07
C SER A 378 10.95 -0.14 20.58
C SER A 378 10.94 -0.12 20.60
C SER A 378 10.88 -0.13 20.52
C SER A 378 10.84 -0.10 20.56
N CYS A 379 10.30 -1.08 19.92
N CYS A 379 10.29 -1.07 19.94
N CYS A 379 10.32 -1.13 19.85
N CYS A 379 10.31 -1.11 19.89
CA CYS A 379 10.20 -1.13 18.45
CA CYS A 379 10.20 -1.12 18.48
CA CYS A 379 10.20 -1.15 18.39
CA CYS A 379 10.21 -1.14 18.42
C CYS A 379 8.73 -0.93 18.07
C CYS A 379 8.73 -0.93 18.07
C CYS A 379 8.74 -0.94 18.02
C CYS A 379 8.73 -0.94 18.03
N PHE A 380 8.52 -0.34 16.90
N PHE A 380 8.53 -0.35 16.91
N PHE A 380 8.52 -0.32 16.88
N PHE A 380 8.53 -0.32 16.90
CA PHE A 380 7.18 -0.03 16.40
CA PHE A 380 7.18 -0.03 16.40
CA PHE A 380 7.17 -0.02 16.39
CA PHE A 380 7.17 -0.03 16.39
C PHE A 380 6.65 -1.16 15.52
C PHE A 380 6.66 -1.17 15.54
C PHE A 380 6.65 -1.16 15.52
C PHE A 380 6.65 -1.16 15.52
N GLY A 381 5.42 -1.55 15.78
N GLY A 381 5.42 -1.55 15.78
N GLY A 381 5.42 -1.56 15.78
N GLY A 381 5.42 -1.56 15.78
CA GLY A 381 4.81 -2.66 15.03
CA GLY A 381 4.81 -2.66 15.03
CA GLY A 381 4.80 -2.66 15.04
CA GLY A 381 4.80 -2.66 15.04
C GLY A 381 4.29 -2.28 13.65
C GLY A 381 4.29 -2.28 13.65
C GLY A 381 4.29 -2.28 13.65
C GLY A 381 4.29 -2.28 13.65
N GLY A 382 4.36 -3.26 12.75
CA GLY A 382 3.87 -3.05 11.41
C GLY A 382 2.43 -3.41 11.16
N ILE A 383 1.77 -3.98 12.14
CA ILE A 383 0.34 -4.28 12.13
C ILE A 383 -0.26 -3.39 13.21
N GLN A 384 -1.27 -2.60 12.86
N GLN A 384 -1.27 -2.60 12.86
N GLN A 384 -1.20 -2.52 12.84
N GLN A 384 -1.20 -2.52 12.84
CA GLN A 384 -1.85 -1.61 13.77
CA GLN A 384 -1.85 -1.61 13.77
CA GLN A 384 -1.80 -1.52 13.73
CA GLN A 384 -1.80 -1.52 13.74
C GLN A 384 -3.35 -1.63 13.59
C GLN A 384 -3.35 -1.63 13.59
C GLN A 384 -3.31 -1.56 13.57
C GLN A 384 -3.31 -1.56 13.57
N SER A 385 -4.02 -1.07 14.57
CA SER A 385 -5.49 -1.02 14.52
C SER A 385 -5.98 0.01 13.53
N SER A 386 -7.01 -0.33 12.79
CA SER A 386 -7.72 0.59 11.92
C SER A 386 -8.84 1.33 12.64
N ALA A 387 -8.95 1.20 13.97
N ALA A 387 -9.14 0.98 13.89
N ALA A 387 -8.96 1.16 13.96
N ALA A 387 -9.14 1.00 13.89
CA ALA A 387 -10.01 1.86 14.75
CA ALA A 387 -10.37 1.46 14.55
CA ALA A 387 -10.05 1.81 14.73
CA ALA A 387 -10.36 1.50 14.54
C ALA A 387 -9.79 3.37 14.71
C ALA A 387 -10.50 3.00 14.49
C ALA A 387 -9.86 3.31 14.69
C ALA A 387 -10.48 3.04 14.41
N GLY A 388 -10.80 4.08 14.22
N GLY A 388 -9.43 3.78 14.47
N GLY A 388 -10.88 4.00 14.20
N GLY A 388 -9.40 3.83 14.47
CA GLY A 388 -10.80 5.53 14.09
CA GLY A 388 -9.47 5.26 14.43
CA GLY A 388 -10.88 5.47 14.07
CA GLY A 388 -9.44 5.31 14.37
C GLY A 388 -10.44 5.96 12.69
C GLY A 388 -9.39 5.84 13.02
C GLY A 388 -10.47 5.90 12.68
C GLY A 388 -9.63 5.85 12.95
N ILE A 389 -9.90 5.05 11.88
N ILE A 389 -9.57 5.02 11.96
N ILE A 389 -9.93 5.00 11.86
N ILE A 389 -9.52 4.99 11.92
CA ILE A 389 -9.47 5.41 10.49
CA ILE A 389 -9.48 5.36 10.50
CA ILE A 389 -9.48 5.39 10.49
CA ILE A 389 -9.47 5.35 10.46
C ILE A 389 -10.69 5.19 9.58
C ILE A 389 -10.84 5.35 9.79
C ILE A 389 -10.70 5.19 9.59
C ILE A 389 -10.83 5.34 9.77
N GLY A 390 -11.62 4.29 9.96
CA GLY A 390 -12.88 4.10 9.25
C GLY A 390 -12.78 3.13 8.09
N ILE A 391 -11.57 2.58 7.83
CA ILE A 391 -11.35 1.54 6.79
C ILE A 391 -10.11 0.72 7.18
N ASN A 392 -10.14 -0.52 6.79
CA ASN A 392 -8.97 -1.39 6.91
C ASN A 392 -8.07 -1.14 5.70
N ILE A 393 -6.77 -1.18 5.91
CA ILE A 393 -5.81 -0.84 4.83
C ILE A 393 -4.75 -1.90 4.74
N PHE A 394 -4.74 -2.59 3.59
CA PHE A 394 -3.67 -3.52 3.25
C PHE A 394 -2.58 -2.69 2.60
N GLY A 395 -1.72 -2.11 3.42
CA GLY A 395 -0.60 -1.28 2.97
C GLY A 395 0.60 -2.14 2.63
N ASP A 396 1.74 -1.48 2.53
CA ASP A 396 2.94 -2.11 1.98
C ASP A 396 3.36 -3.35 2.77
N VAL A 397 3.21 -3.38 4.09
CA VAL A 397 3.53 -4.57 4.89
C VAL A 397 2.85 -5.81 4.31
N ALA A 398 1.60 -5.69 3.96
CA ALA A 398 0.88 -6.82 3.36
C ALA A 398 1.23 -7.00 1.88
N LEU A 399 1.20 -5.90 1.11
CA LEU A 399 1.36 -6.04 -0.36
C LEU A 399 2.72 -6.56 -0.72
N LYS A 400 3.76 -6.21 0.04
N LYS A 400 3.77 -6.23 0.04
N LYS A 400 3.76 -6.21 0.04
N LYS A 400 3.77 -6.23 0.04
CA LYS A 400 5.13 -6.61 -0.33
CA LYS A 400 5.12 -6.65 -0.40
CA LYS A 400 5.13 -6.61 -0.33
CA LYS A 400 5.12 -6.65 -0.40
C LYS A 400 5.31 -8.12 -0.18
C LYS A 400 5.34 -8.14 -0.15
C LYS A 400 5.32 -8.11 -0.17
C LYS A 400 5.34 -8.14 -0.15
N ALA A 401 4.44 -8.81 0.56
CA ALA A 401 4.48 -10.26 0.66
C ALA A 401 3.87 -10.94 -0.56
N ALA A 402 3.35 -10.21 -1.53
CA ALA A 402 2.62 -10.79 -2.65
C ALA A 402 3.06 -10.13 -3.96
N PHE A 403 2.72 -10.82 -5.05
CA PHE A 403 2.62 -10.24 -6.39
C PHE A 403 1.16 -9.83 -6.57
N VAL A 404 0.88 -8.57 -6.81
CA VAL A 404 -0.51 -8.06 -6.76
C VAL A 404 -0.88 -7.51 -8.12
N VAL A 405 -2.00 -8.03 -8.63
N VAL A 405 -1.98 -8.04 -8.63
N VAL A 405 -2.01 -8.00 -8.68
N VAL A 405 -2.02 -8.00 -8.67
CA VAL A 405 -2.52 -7.66 -9.95
CA VAL A 405 -2.51 -7.67 -9.95
CA VAL A 405 -2.65 -7.48 -9.93
CA VAL A 405 -2.65 -7.48 -9.93
C VAL A 405 -3.69 -6.72 -9.76
C VAL A 405 -3.69 -6.72 -9.76
C VAL A 405 -3.79 -6.53 -9.60
C VAL A 405 -3.79 -6.53 -9.60
N PHE A 406 -3.58 -5.52 -10.27
N PHE A 406 -3.58 -5.52 -10.27
N PHE A 406 -3.74 -5.33 -10.16
N PHE A 406 -3.73 -5.33 -10.16
CA PHE A 406 -4.67 -4.54 -10.25
CA PHE A 406 -4.67 -4.54 -10.25
CA PHE A 406 -4.82 -4.33 -10.19
CA PHE A 406 -4.82 -4.32 -10.19
C PHE A 406 -5.32 -4.56 -11.64
C PHE A 406 -5.32 -4.56 -11.64
C PHE A 406 -5.43 -4.44 -11.59
C PHE A 406 -5.43 -4.44 -11.59
N ASN A 407 -6.53 -5.15 -11.67
N ASN A 407 -6.52 -5.15 -11.67
N ASN A 407 -6.35 -5.42 -11.75
N ASN A 407 -6.35 -5.40 -11.74
CA ASN A 407 -7.21 -5.46 -12.95
CA ASN A 407 -7.20 -5.47 -12.95
CA ASN A 407 -7.06 -5.60 -13.04
CA ASN A 407 -7.07 -5.59 -13.04
C ASN A 407 -8.25 -4.40 -13.18
C ASN A 407 -8.25 -4.40 -13.18
C ASN A 407 -8.16 -4.54 -13.23
C ASN A 407 -8.16 -4.53 -13.23
N GLY A 408 -7.93 -3.54 -14.12
CA GLY A 408 -8.84 -2.45 -14.46
C GLY A 408 -9.73 -2.72 -15.65
N ALA A 409 -10.05 -3.93 -15.91
CA ALA A 409 -11.11 -4.28 -16.88
C ALA A 409 -12.44 -3.71 -16.41
N THR A 410 -13.43 -3.80 -17.33
CA THR A 410 -14.77 -3.21 -17.14
C THR A 410 -15.29 -3.58 -15.74
N THR A 411 -15.17 -4.80 -15.29
N THR A 411 -15.17 -4.80 -15.29
N THR A 411 -15.13 -4.88 -15.40
N THR A 411 -15.14 -4.88 -15.40
CA THR A 411 -15.43 -5.08 -13.87
CA THR A 411 -15.43 -5.09 -13.88
CA THR A 411 -15.28 -5.58 -14.06
CA THR A 411 -15.29 -5.55 -14.05
C THR A 411 -14.08 -5.28 -13.22
C THR A 411 -14.08 -5.28 -13.22
C THR A 411 -13.91 -5.71 -13.39
C THR A 411 -13.92 -5.69 -13.39
N PRO A 412 -13.53 -4.26 -12.51
N PRO A 412 -13.54 -4.26 -12.52
N PRO A 412 -13.60 -4.86 -12.39
N PRO A 412 -13.60 -4.84 -12.39
CA PRO A 412 -12.22 -4.44 -11.90
CA PRO A 412 -12.21 -4.40 -11.91
CA PRO A 412 -12.28 -4.92 -11.77
CA PRO A 412 -12.28 -4.88 -11.78
C PRO A 412 -12.15 -5.59 -10.91
C PRO A 412 -12.16 -5.57 -10.93
C PRO A 412 -12.11 -6.05 -10.74
C PRO A 412 -12.12 -6.03 -10.77
N THR A 413 -10.96 -6.18 -10.78
N THR A 413 -10.98 -6.17 -10.81
N THR A 413 -10.88 -6.53 -10.61
N THR A 413 -10.90 -6.55 -10.68
CA THR A 413 -10.70 -7.21 -9.75
CA THR A 413 -10.72 -7.21 -9.80
CA THR A 413 -10.52 -7.54 -9.59
CA THR A 413 -10.55 -7.56 -9.67
C THR A 413 -9.27 -6.99 -9.23
C THR A 413 -9.28 -7.05 -9.29
C THR A 413 -9.09 -7.25 -9.13
C THR A 413 -9.12 -7.30 -9.20
N LEU A 414 -8.95 -7.61 -8.09
N LEU A 414 -8.94 -7.87 -8.31
N LEU A 414 -8.77 -7.76 -7.95
N LEU A 414 -8.78 -7.95 -8.10
CA LEU A 414 -7.54 -7.75 -7.65
CA LEU A 414 -7.64 -7.72 -7.64
CA LEU A 414 -7.37 -7.87 -7.46
CA LEU A 414 -7.43 -7.93 -7.51
C LEU A 414 -7.14 -9.20 -7.76
C LEU A 414 -7.06 -9.13 -7.46
C LEU A 414 -6.92 -9.32 -7.59
C LEU A 414 -6.89 -9.35 -7.55
N GLY A 415 -5.84 -9.44 -7.96
N GLY A 415 -5.85 -9.36 -7.95
N GLY A 415 -5.68 -9.56 -8.00
N GLY A 415 -5.67 -9.56 -8.01
CA GLY A 415 -5.24 -10.75 -7.85
CA GLY A 415 -5.23 -10.69 -7.86
CA GLY A 415 -5.08 -10.88 -7.98
CA GLY A 415 -5.05 -10.88 -8.00
C GLY A 415 -4.06 -10.73 -6.89
C GLY A 415 -4.06 -10.70 -6.90
C GLY A 415 -3.90 -10.89 -7.04
C GLY A 415 -3.88 -10.89 -7.03
N PHE A 416 -3.85 -11.83 -6.22
N PHE A 416 -3.86 -11.81 -6.22
N PHE A 416 -3.84 -11.87 -6.15
N PHE A 416 -3.83 -11.87 -6.15
CA PHE A 416 -2.71 -12.00 -5.31
CA PHE A 416 -2.73 -11.99 -5.32
CA PHE A 416 -2.66 -12.09 -5.29
CA PHE A 416 -2.66 -12.10 -5.29
C PHE A 416 -2.06 -13.33 -5.56
C PHE A 416 -2.06 -13.33 -5.56
C PHE A 416 -2.01 -13.41 -5.64
C PHE A 416 -2.00 -13.42 -5.64
N ALA A 417 -0.74 -13.34 -5.71
N ALA A 417 -0.73 -13.33 -5.70
N ALA A 417 -0.68 -13.45 -5.63
N ALA A 417 -0.67 -13.46 -5.62
CA ALA A 417 0.04 -14.57 -5.73
CA ALA A 417 0.05 -14.58 -5.72
CA ALA A 417 0.14 -14.67 -5.73
CA ALA A 417 0.15 -14.68 -5.73
C ALA A 417 1.16 -14.48 -4.69
C ALA A 417 1.17 -14.49 -4.70
C ALA A 417 1.26 -14.60 -4.67
C ALA A 417 1.27 -14.61 -4.69
N SER A 418 1.59 -15.61 -4.16
N SER A 418 1.64 -15.64 -4.22
CA SER A 418 2.85 -15.68 -3.39
CA SER A 418 2.91 -15.78 -3.48
C SER A 418 4.03 -15.50 -4.35
C SER A 418 4.07 -15.48 -4.42
N LYS A 419 5.21 -15.22 -3.80
CA LYS A 419 6.39 -15.01 -4.63
C LYS A 419 7.67 -15.36 -3.90
#